data_6MW4
#
_entry.id   6MW4
#
_cell.length_a   88.651
_cell.length_b   155.176
_cell.length_c   91.675
_cell.angle_alpha   90.000
_cell.angle_beta   90.000
_cell.angle_gamma   90.000
#
_symmetry.space_group_name_H-M   'C 2 2 21'
#
loop_
_entity.id
_entity.type
_entity.pdbx_description
1 polymer 'Putative germination-specific protease'
2 non-polymer 'SULFATE ION'
3 water water
#
_entity_poly.entity_id   1
_entity_poly.type   'polypeptide(L)'
_entity_poly.pdbx_seq_one_letter_code
;MEKSYCIIYQGDIESALQENGINRYMVLNSQLAVIYVPVDFDETILNNIIQVAWWEESEPMSSLIEITNNVNNGETITTA
AETDYIYENPYNDITGRGILLAVIDSGIDYLHPDFINDDGTSKVLYLWDQEANTNPPPEGFIFGSEFTRSQLNIAINRND
GSLSQDNIGTGTLVSGILAGNGRINSQYRGITTESDLIVVKLKSYTDTYYAGRINYSVSDFLAAITYVTNIARTENKPLI
INLTIGVKSSAVATTSILDTFNILSSAGVVVVSGAGNQGNTDIHYSGRFSSVGEVQDVIIQDGDDYALDITLNTNGPDKV
GAQIISPSGEVSHDIRYSPDFYIYRGKFNLENTTYAMRFIYPYITSGKENLEIRLRDIKPGVWILRLTSELIISGEYDIY
LPNKNLIAPDTRFLDPDSVATITMYAASDDVITVGTFNNKTDSMWIGSSKGPIRGRGIKPDIVASGVDIISTYKNGTYNT
GTGTGVSSSIVTGVLALLMEYLEKQDNVPRLSLFTQVLKTYLILGATKLEIYTYPNVSQGYGILNLKNTIQQIANTLLEH
HHHHH
;
_entity_poly.pdbx_strand_id   A
#
loop_
_chem_comp.id
_chem_comp.type
_chem_comp.name
_chem_comp.formula
SO4 non-polymer 'SULFATE ION' 'O4 S -2'
#
# COMPACT_ATOMS: atom_id res chain seq x y z
N GLU A 2 -11.02 -18.80 2.52
CA GLU A 2 -11.26 -18.12 1.25
C GLU A 2 -10.00 -17.50 0.68
N LYS A 3 -9.60 -17.96 -0.50
CA LYS A 3 -8.64 -17.24 -1.32
C LYS A 3 -9.39 -16.43 -2.36
N SER A 4 -8.67 -15.53 -3.02
CA SER A 4 -9.31 -14.69 -4.02
C SER A 4 -8.33 -14.43 -5.16
N TYR A 5 -8.87 -14.03 -6.30
CA TYR A 5 -8.09 -13.80 -7.51
C TYR A 5 -8.52 -12.51 -8.16
N CYS A 6 -7.56 -11.80 -8.73
CA CYS A 6 -7.85 -10.66 -9.60
C CYS A 6 -7.88 -11.15 -11.03
N ILE A 7 -8.88 -10.70 -11.78
CA ILE A 7 -9.10 -11.15 -13.17
C ILE A 7 -9.15 -9.94 -14.08
N ILE A 8 -8.42 -9.99 -15.19
CA ILE A 8 -8.61 -9.07 -16.31
C ILE A 8 -9.49 -9.79 -17.33
N TYR A 9 -10.61 -9.18 -17.69
CA TYR A 9 -11.60 -9.86 -18.51
C TYR A 9 -11.91 -9.09 -19.78
N GLN A 10 -12.52 -9.81 -20.72
CA GLN A 10 -13.13 -9.25 -21.91
C GLN A 10 -14.45 -9.97 -22.13
N GLY A 11 -15.50 -9.22 -22.43
CA GLY A 11 -16.78 -9.83 -22.71
C GLY A 11 -17.64 -9.97 -21.48
N ASP A 12 -18.60 -10.90 -21.57
CA ASP A 12 -19.58 -11.13 -20.50
C ASP A 12 -18.96 -12.05 -19.46
N ILE A 13 -18.17 -11.44 -18.57
CA ILE A 13 -17.45 -12.20 -17.54
C ILE A 13 -18.41 -12.76 -16.51
N GLU A 14 -19.48 -12.02 -16.19
CA GLU A 14 -20.42 -12.48 -15.17
C GLU A 14 -21.07 -13.79 -15.56
N SER A 15 -21.56 -13.89 -16.79
CA SER A 15 -22.15 -15.15 -17.24
C SER A 15 -21.10 -16.27 -17.25
N ALA A 16 -19.87 -15.93 -17.64
CA ALA A 16 -18.83 -16.96 -17.75
C ALA A 16 -18.46 -17.51 -16.38
N LEU A 17 -18.30 -16.63 -15.39
CA LEU A 17 -17.99 -17.10 -14.05
C LEU A 17 -19.12 -17.96 -13.49
N GLN A 18 -20.37 -17.53 -13.69
CA GLN A 18 -21.49 -18.29 -13.15
C GLN A 18 -21.58 -19.68 -13.78
N GLU A 19 -21.33 -19.77 -15.10
CA GLU A 19 -21.35 -21.06 -15.77
C GLU A 19 -20.27 -22.00 -15.26
N ASN A 20 -19.18 -21.47 -14.70
CA ASN A 20 -18.10 -22.27 -14.16
C ASN A 20 -18.18 -22.43 -12.65
N GLY A 21 -19.35 -22.18 -12.05
CA GLY A 21 -19.51 -22.37 -10.62
C GLY A 21 -18.80 -21.35 -9.77
N ILE A 22 -18.44 -20.19 -10.31
CA ILE A 22 -17.79 -19.13 -9.56
C ILE A 22 -18.87 -18.10 -9.26
N ASN A 23 -19.48 -18.22 -8.07
CA ASN A 23 -20.66 -17.44 -7.74
C ASN A 23 -20.37 -16.19 -6.90
N ARG A 24 -19.17 -16.05 -6.36
CA ARG A 24 -18.82 -14.92 -5.50
C ARG A 24 -17.80 -14.05 -6.24
N TYR A 25 -18.27 -12.93 -6.78
CA TYR A 25 -17.39 -12.09 -7.59
C TYR A 25 -17.91 -10.66 -7.55
N MET A 26 -17.02 -9.74 -7.90
CA MET A 26 -17.38 -8.34 -8.12
C MET A 26 -16.70 -7.84 -9.38
N VAL A 27 -17.46 -7.21 -10.26
CA VAL A 27 -16.88 -6.48 -11.39
C VAL A 27 -16.52 -5.09 -10.90
N LEU A 28 -15.24 -4.74 -10.98
CA LEU A 28 -14.76 -3.49 -10.39
C LEU A 28 -14.62 -2.37 -11.41
N ASN A 29 -14.22 -2.67 -12.65
CA ASN A 29 -14.21 -1.67 -13.71
C ASN A 29 -14.36 -2.41 -15.03
N SER A 30 -14.19 -1.69 -16.15
CA SER A 30 -14.43 -2.29 -17.45
C SER A 30 -13.45 -3.42 -17.79
N GLN A 31 -12.35 -3.55 -17.04
CA GLN A 31 -11.36 -4.58 -17.29
C GLN A 31 -11.14 -5.54 -16.13
N LEU A 32 -11.50 -5.16 -14.91
CA LEU A 32 -11.04 -5.84 -13.71
C LEU A 32 -12.22 -6.42 -12.94
N ALA A 33 -12.12 -7.68 -12.55
CA ALA A 33 -13.05 -8.30 -11.63
C ALA A 33 -12.25 -9.03 -10.57
N VAL A 34 -12.88 -9.30 -9.42
CA VAL A 34 -12.26 -10.11 -8.38
C VAL A 34 -13.20 -11.26 -8.04
N ILE A 35 -12.62 -12.43 -7.73
CA ILE A 35 -13.42 -13.60 -7.38
C ILE A 35 -12.94 -14.15 -6.05
N TYR A 36 -13.87 -14.77 -5.33
CA TYR A 36 -13.62 -15.37 -4.02
C TYR A 36 -14.06 -16.82 -4.09
N VAL A 37 -13.14 -17.73 -3.76
CA VAL A 37 -13.35 -19.15 -4.04
C VAL A 37 -12.86 -19.98 -2.86
N PRO A 38 -13.36 -21.20 -2.72
CA PRO A 38 -12.86 -22.09 -1.65
C PRO A 38 -11.39 -22.42 -1.83
N VAL A 39 -10.78 -22.93 -0.75
CA VAL A 39 -9.36 -23.27 -0.77
C VAL A 39 -9.07 -24.38 -1.77
N ASP A 40 -10.02 -25.28 -2.00
CA ASP A 40 -9.82 -26.39 -2.93
C ASP A 40 -10.02 -25.98 -4.38
N PHE A 41 -10.22 -24.69 -4.66
CA PHE A 41 -10.51 -24.25 -6.03
C PHE A 41 -9.33 -24.53 -6.95
N ASP A 42 -9.64 -25.08 -8.12
CA ASP A 42 -8.65 -25.43 -9.13
C ASP A 42 -8.47 -24.21 -10.05
N GLU A 43 -7.37 -23.48 -9.85
CA GLU A 43 -7.16 -22.24 -10.58
C GLU A 43 -6.93 -22.46 -12.07
N THR A 44 -6.60 -23.69 -12.49
CA THR A 44 -6.44 -23.95 -13.92
C THR A 44 -7.75 -23.75 -14.68
N ILE A 45 -8.89 -23.79 -13.98
CA ILE A 45 -10.18 -23.44 -14.58
C ILE A 45 -10.09 -22.11 -15.32
N LEU A 46 -9.35 -21.16 -14.76
CA LEU A 46 -9.36 -19.81 -15.30
C LEU A 46 -8.73 -19.73 -16.69
N ASN A 47 -7.83 -20.67 -17.02
CA ASN A 47 -7.20 -20.68 -18.34
C ASN A 47 -8.18 -21.09 -19.44
N ASN A 48 -9.27 -21.76 -19.09
CA ASN A 48 -10.21 -22.30 -20.07
C ASN A 48 -11.50 -21.50 -20.12
N ILE A 49 -11.54 -20.35 -19.47
CA ILE A 49 -12.65 -19.40 -19.59
C ILE A 49 -12.17 -18.32 -20.55
N ILE A 50 -12.77 -18.28 -21.75
CA ILE A 50 -12.26 -17.40 -22.80
C ILE A 50 -12.38 -15.94 -22.39
N GLN A 51 -13.34 -15.61 -21.53
CA GLN A 51 -13.50 -14.23 -21.07
C GLN A 51 -12.40 -13.80 -20.10
N VAL A 52 -11.52 -14.71 -19.70
CA VAL A 52 -10.41 -14.37 -18.81
C VAL A 52 -9.16 -14.16 -19.65
N ALA A 53 -8.57 -12.96 -19.55
CA ALA A 53 -7.34 -12.61 -20.25
C ALA A 53 -6.11 -12.73 -19.37
N TRP A 54 -6.24 -12.38 -18.10
CA TRP A 54 -5.18 -12.47 -17.10
C TRP A 54 -5.81 -12.89 -15.78
N TRP A 55 -5.03 -13.57 -14.96
CA TRP A 55 -5.48 -13.82 -13.60
C TRP A 55 -4.28 -13.93 -12.67
N GLU A 56 -4.50 -13.53 -11.41
CA GLU A 56 -3.44 -13.50 -10.43
C GLU A 56 -4.09 -13.71 -9.06
N GLU A 57 -3.51 -14.60 -8.26
CA GLU A 57 -3.98 -14.74 -6.89
C GLU A 57 -3.75 -13.45 -6.12
N SER A 58 -4.73 -13.08 -5.29
CA SER A 58 -4.64 -11.88 -4.46
C SER A 58 -3.60 -12.08 -3.36
N GLU A 59 -2.69 -11.11 -3.22
CA GLU A 59 -1.57 -11.20 -2.30
CA GLU A 59 -1.58 -11.22 -2.29
C GLU A 59 -1.82 -10.37 -1.05
N PRO A 60 -1.06 -10.63 0.03
CA PRO A 60 -1.25 -9.85 1.26
C PRO A 60 -0.81 -8.40 1.13
N MET A 61 -1.48 -7.54 1.90
CA MET A 61 -1.08 -6.16 2.10
C MET A 61 -0.92 -5.93 3.59
N SER A 62 -0.06 -4.98 3.98
CA SER A 62 0.12 -4.72 5.40
C SER A 62 0.25 -3.22 5.62
N SER A 63 0.16 -2.83 6.90
CA SER A 63 0.19 -1.42 7.28
C SER A 63 1.54 -0.78 6.96
N LEU A 64 1.49 0.48 6.53
CA LEU A 64 2.67 1.32 6.43
C LEU A 64 2.84 2.20 7.65
N ILE A 65 2.20 1.85 8.77
CA ILE A 65 2.30 2.62 10.00
C ILE A 65 2.66 1.69 11.16
N GLU A 66 3.59 2.15 12.00
CA GLU A 66 3.93 1.48 13.25
C GLU A 66 3.39 2.32 14.40
N ILE A 67 2.64 1.71 15.31
CA ILE A 67 2.17 2.44 16.48
C ILE A 67 3.27 2.43 17.54
N THR A 68 3.63 3.60 18.06
CA THR A 68 4.84 3.68 18.87
C THR A 68 4.65 4.12 20.32
N ASN A 69 3.44 4.50 20.75
CA ASN A 69 3.15 4.74 22.17
C ASN A 69 4.13 5.73 22.81
N ASN A 70 4.35 6.85 22.12
CA ASN A 70 5.38 7.81 22.53
C ASN A 70 4.85 9.24 22.50
N VAL A 71 3.63 9.45 22.99
CA VAL A 71 3.04 10.78 22.93
C VAL A 71 3.90 11.79 23.69
N ASN A 72 4.47 11.39 24.83
CA ASN A 72 5.22 12.32 25.66
C ASN A 72 6.45 12.90 24.95
N ASN A 73 6.99 12.21 23.95
CA ASN A 73 8.10 12.72 23.16
C ASN A 73 7.74 12.81 21.68
N GLY A 74 6.44 12.93 21.39
CA GLY A 74 5.99 12.98 20.02
C GLY A 74 5.94 14.39 19.46
N GLU A 75 5.62 14.44 18.17
CA GLU A 75 5.53 15.67 17.38
C GLU A 75 4.07 15.86 16.97
N THR A 76 3.55 17.08 17.09
CA THR A 76 2.17 17.28 16.67
C THR A 76 2.04 17.30 15.16
N ILE A 77 0.82 17.03 14.68
CA ILE A 77 0.51 17.10 13.26
C ILE A 77 0.77 18.51 12.74
N THR A 78 0.40 19.53 13.53
CA THR A 78 0.63 20.90 13.12
C THR A 78 2.11 21.17 12.86
N THR A 79 2.98 20.66 13.73
CA THR A 79 4.43 20.80 13.53
C THR A 79 4.89 20.03 12.30
N ALA A 80 4.41 18.80 12.13
CA ALA A 80 4.87 17.96 11.04
C ALA A 80 4.45 18.50 9.69
N ALA A 81 3.24 19.05 9.60
CA ALA A 81 2.69 19.56 8.34
C ALA A 81 2.99 21.03 8.12
N GLU A 82 3.48 21.73 9.16
CA GLU A 82 3.78 23.17 9.11
C GLU A 82 2.56 23.98 8.69
N THR A 83 1.41 23.67 9.29
CA THR A 83 0.16 24.30 8.90
C THR A 83 -0.15 25.59 9.65
N ASP A 84 0.73 26.04 10.54
CA ASP A 84 0.54 27.38 11.14
C ASP A 84 0.52 28.47 10.07
N TYR A 85 1.24 28.27 8.95
CA TYR A 85 1.28 29.30 7.91
C TYR A 85 -0.08 29.56 7.31
N ILE A 86 -0.99 28.59 7.36
CA ILE A 86 -2.34 28.76 6.82
C ILE A 86 -3.30 29.27 7.89
N TYR A 87 -3.33 28.59 9.03
CA TYR A 87 -4.39 28.79 10.00
C TYR A 87 -4.10 29.92 10.99
N GLU A 88 -2.84 30.25 11.25
CA GLU A 88 -2.51 31.33 12.17
C GLU A 88 -2.68 32.68 11.49
N ASP A 93 -8.79 31.40 4.91
CA ASP A 93 -10.00 30.86 4.30
C ASP A 93 -9.76 29.52 3.61
N ILE A 94 -8.63 28.89 3.90
CA ILE A 94 -8.27 27.58 3.32
C ILE A 94 -8.43 26.53 4.41
N THR A 95 -9.32 25.57 4.15
CA THR A 95 -9.75 24.60 5.15
C THR A 95 -9.79 23.18 4.60
N GLY A 96 -9.64 23.00 3.29
CA GLY A 96 -9.91 21.71 2.68
C GLY A 96 -11.36 21.54 2.28
N ARG A 97 -12.17 22.59 2.39
CA ARG A 97 -13.58 22.54 2.00
C ARG A 97 -13.71 22.06 0.57
N GLY A 98 -14.63 21.12 0.35
CA GLY A 98 -14.93 20.64 -0.97
C GLY A 98 -14.07 19.51 -1.47
N ILE A 99 -13.17 18.99 -0.64
CA ILE A 99 -12.29 17.88 -0.98
C ILE A 99 -12.73 16.64 -0.21
N LEU A 100 -12.75 15.50 -0.90
CA LEU A 100 -13.00 14.20 -0.27
C LEU A 100 -11.68 13.50 -0.01
N LEU A 101 -11.52 12.89 1.17
CA LEU A 101 -10.31 12.16 1.52
C LEU A 101 -10.65 10.71 1.84
N ALA A 102 -10.02 9.78 1.14
CA ALA A 102 -10.30 8.35 1.35
C ALA A 102 -9.28 7.71 2.28
N VAL A 103 -9.79 7.02 3.31
CA VAL A 103 -9.00 6.25 4.27
C VAL A 103 -9.37 4.79 4.06
N ILE A 104 -8.41 4.00 3.59
CA ILE A 104 -8.62 2.57 3.32
C ILE A 104 -7.65 1.83 4.22
N ASP A 105 -8.15 1.27 5.32
CA ASP A 105 -7.27 0.85 6.40
C ASP A 105 -8.09 0.02 7.39
N SER A 106 -7.85 0.20 8.69
CA SER A 106 -8.43 -0.66 9.72
C SER A 106 -9.80 -0.16 10.21
N GLY A 107 -10.30 0.92 9.63
CA GLY A 107 -11.56 1.52 10.03
C GLY A 107 -11.33 2.89 10.67
N ILE A 108 -12.31 3.30 11.47
CA ILE A 108 -12.22 4.57 12.21
C ILE A 108 -13.06 4.47 13.47
N ASP A 109 -12.52 4.99 14.59
CA ASP A 109 -13.31 5.15 15.82
C ASP A 109 -14.17 6.40 15.66
N TYR A 110 -15.35 6.27 15.04
CA TYR A 110 -16.12 7.46 14.71
C TYR A 110 -16.71 8.14 15.94
N LEU A 111 -16.69 7.49 17.12
CA LEU A 111 -17.14 8.16 18.34
C LEU A 111 -16.03 8.97 19.00
N HIS A 112 -14.80 8.94 18.48
CA HIS A 112 -13.78 9.81 19.03
C HIS A 112 -14.27 11.25 18.97
N PRO A 113 -14.26 12.00 20.07
CA PRO A 113 -14.76 13.39 20.02
C PRO A 113 -14.09 14.23 18.95
N ASP A 114 -12.86 13.90 18.57
CA ASP A 114 -12.16 14.69 17.57
C ASP A 114 -12.68 14.49 16.14
N PHE A 115 -13.65 13.59 15.95
CA PHE A 115 -14.33 13.44 14.66
C PHE A 115 -15.77 13.87 14.73
N ILE A 116 -16.17 14.58 15.78
CA ILE A 116 -17.55 15.03 15.96
C ILE A 116 -17.57 16.55 15.94
N ASN A 117 -18.38 17.13 15.04
CA ASN A 117 -18.50 18.57 14.91
C ASN A 117 -19.25 19.16 16.10
N ASP A 118 -19.18 20.49 16.20
CA ASP A 118 -19.84 21.20 17.29
C ASP A 118 -21.33 20.87 17.35
N ASP A 119 -21.97 20.66 16.20
CA ASP A 119 -23.40 20.36 16.15
C ASP A 119 -23.71 18.87 16.31
N GLY A 120 -22.72 18.05 16.66
CA GLY A 120 -22.94 16.63 16.87
C GLY A 120 -22.84 15.75 15.65
N THR A 121 -22.52 16.30 14.49
CA THR A 121 -22.48 15.49 13.28
C THR A 121 -21.07 14.93 13.04
N SER A 122 -21.02 13.87 12.24
CA SER A 122 -19.77 13.15 11.98
C SER A 122 -18.98 13.81 10.87
N LYS A 123 -17.65 13.81 11.03
CA LYS A 123 -16.79 14.19 9.91
C LYS A 123 -16.70 13.10 8.85
N VAL A 124 -17.19 11.90 9.14
CA VAL A 124 -17.21 10.81 8.17
C VAL A 124 -18.44 10.96 7.29
N LEU A 125 -18.25 10.92 5.97
CA LEU A 125 -19.36 11.04 5.03
C LEU A 125 -19.95 9.68 4.67
N TYR A 126 -19.09 8.67 4.47
CA TYR A 126 -19.47 7.31 4.14
C TYR A 126 -18.47 6.37 4.79
N LEU A 127 -18.97 5.22 5.23
CA LEU A 127 -18.14 4.20 5.86
C LEU A 127 -18.59 2.84 5.32
N TRP A 128 -17.68 2.13 4.64
CA TRP A 128 -17.94 0.74 4.27
C TRP A 128 -17.10 -0.17 5.17
N ASP A 129 -17.75 -0.93 6.03
CA ASP A 129 -17.07 -1.92 6.87
C ASP A 129 -17.19 -3.26 6.16
N GLN A 130 -16.09 -3.74 5.58
CA GLN A 130 -16.13 -4.97 4.79
C GLN A 130 -16.41 -6.23 5.62
N GLU A 131 -16.28 -6.15 6.95
CA GLU A 131 -16.50 -7.29 7.82
C GLU A 131 -17.89 -7.32 8.46
N ALA A 132 -18.59 -6.20 8.48
CA ALA A 132 -19.86 -6.13 9.20
C ALA A 132 -20.98 -6.83 8.41
N ASN A 133 -22.04 -7.22 9.12
CA ASN A 133 -23.17 -7.86 8.45
C ASN A 133 -24.50 -7.34 8.99
N THR A 134 -24.58 -6.04 9.30
CA THR A 134 -25.79 -5.48 9.90
C THR A 134 -26.59 -4.56 8.98
N ASN A 135 -25.95 -3.99 7.98
CA ASN A 135 -26.56 -3.18 6.92
C ASN A 135 -26.14 -3.80 5.60
N PRO A 136 -26.89 -3.56 4.52
CA PRO A 136 -26.50 -4.10 3.22
C PRO A 136 -25.15 -3.56 2.78
N PRO A 137 -24.42 -4.33 1.97
CA PRO A 137 -23.21 -3.82 1.36
C PRO A 137 -23.53 -2.67 0.41
N PRO A 138 -22.54 -1.86 0.05
CA PRO A 138 -22.77 -0.86 -1.00
C PRO A 138 -23.21 -1.54 -2.28
N GLU A 139 -23.97 -0.81 -3.08
CA GLU A 139 -24.48 -1.36 -4.33
C GLU A 139 -23.32 -1.77 -5.23
N GLY A 140 -23.37 -3.00 -5.73
CA GLY A 140 -22.31 -3.51 -6.57
C GLY A 140 -21.26 -4.32 -5.85
N PHE A 141 -21.38 -4.46 -4.52
CA PHE A 141 -20.42 -5.20 -3.72
C PHE A 141 -21.15 -6.33 -2.98
N ILE A 142 -20.39 -7.34 -2.54
CA ILE A 142 -20.99 -8.58 -2.07
C ILE A 142 -20.74 -8.87 -0.61
N PHE A 143 -20.04 -8.01 0.12
CA PHE A 143 -19.85 -8.25 1.54
C PHE A 143 -19.75 -6.94 2.29
N GLY A 144 -19.93 -7.04 3.61
CA GLY A 144 -19.82 -5.90 4.48
C GLY A 144 -21.11 -5.10 4.55
N SER A 145 -20.99 -3.92 5.17
CA SER A 145 -22.09 -3.01 5.44
C SER A 145 -21.69 -1.57 5.15
N GLU A 146 -22.56 -0.85 4.44
CA GLU A 146 -22.35 0.56 4.12
C GLU A 146 -23.13 1.42 5.12
N PHE A 147 -22.48 2.45 5.65
CA PHE A 147 -23.11 3.40 6.55
C PHE A 147 -22.94 4.82 6.01
N THR A 148 -23.94 5.65 6.23
CA THR A 148 -23.90 7.03 5.76
C THR A 148 -23.76 7.97 6.96
N ARG A 149 -23.43 9.23 6.66
CA ARG A 149 -23.29 10.22 7.72
C ARG A 149 -24.56 10.33 8.55
N SER A 150 -25.73 10.28 7.90
CA SER A 150 -26.98 10.33 8.65
CA SER A 150 -26.98 10.34 8.65
C SER A 150 -27.06 9.23 9.69
N GLN A 151 -26.61 8.02 9.34
CA GLN A 151 -26.62 6.93 10.32
C GLN A 151 -25.60 7.17 11.41
N LEU A 152 -24.40 7.63 11.05
CA LEU A 152 -23.38 7.90 12.06
C LEU A 152 -23.83 9.01 13.00
N ASN A 153 -24.57 9.99 12.48
CA ASN A 153 -25.09 11.05 13.36
C ASN A 153 -26.03 10.49 14.41
N ILE A 154 -26.91 9.55 14.03
CA ILE A 154 -27.76 8.90 15.03
C ILE A 154 -26.90 8.12 16.02
N ALA A 155 -25.91 7.38 15.51
CA ALA A 155 -25.03 6.60 16.39
C ALA A 155 -24.32 7.50 17.38
N ILE A 156 -23.86 8.67 16.94
CA ILE A 156 -23.21 9.62 17.86
C ILE A 156 -24.17 10.04 18.96
N ASN A 157 -25.42 10.33 18.59
CA ASN A 157 -26.43 10.75 19.55
C ASN A 157 -26.69 9.67 20.60
N ARG A 158 -26.59 8.39 20.21
CA ARG A 158 -26.88 7.27 21.10
C ARG A 158 -25.62 6.67 21.72
N ASN A 159 -24.44 7.25 21.46
CA ASN A 159 -23.13 6.69 21.86
C ASN A 159 -22.97 5.24 21.41
N ASP A 160 -23.47 4.94 20.21
CA ASP A 160 -23.49 3.58 19.65
C ASP A 160 -22.23 3.40 18.80
N GLY A 161 -21.24 2.69 19.35
CA GLY A 161 -20.00 2.46 18.64
C GLY A 161 -19.97 1.16 17.85
N SER A 162 -21.10 0.49 17.74
CA SER A 162 -21.14 -0.90 17.27
C SER A 162 -21.28 -1.01 15.76
N LEU A 163 -21.49 0.09 15.05
CA LEU A 163 -21.70 -0.01 13.61
C LEU A 163 -20.44 -0.54 12.95
N SER A 164 -19.28 -0.06 13.41
CA SER A 164 -18.01 -0.42 12.83
C SER A 164 -16.94 -0.02 13.83
N GLN A 165 -16.09 -0.97 14.23
CA GLN A 165 -15.04 -0.70 15.20
C GLN A 165 -13.67 -0.72 14.55
N ASP A 166 -12.80 0.18 15.02
CA ASP A 166 -11.38 0.13 14.65
C ASP A 166 -10.64 -0.59 15.77
N ASN A 167 -10.32 -1.87 15.55
CA ASN A 167 -9.68 -2.64 16.61
C ASN A 167 -8.16 -2.60 16.56
N ILE A 168 -7.57 -2.08 15.47
CA ILE A 168 -6.13 -1.93 15.37
C ILE A 168 -5.69 -0.53 15.74
N GLY A 169 -6.32 0.49 15.14
CA GLY A 169 -6.04 1.86 15.48
C GLY A 169 -5.34 2.65 14.40
N THR A 170 -4.80 1.99 13.37
CA THR A 170 -4.07 2.74 12.34
C THR A 170 -5.03 3.59 11.50
N GLY A 171 -6.24 3.08 11.23
CA GLY A 171 -7.18 3.90 10.48
C GLY A 171 -7.59 5.14 11.24
N THR A 172 -7.76 5.00 12.56
CA THR A 172 -8.06 6.17 13.40
C THR A 172 -6.90 7.14 13.43
N LEU A 173 -5.66 6.62 13.50
CA LEU A 173 -4.50 7.51 13.46
C LEU A 173 -4.45 8.30 12.16
N VAL A 174 -4.65 7.62 11.04
CA VAL A 174 -4.66 8.29 9.73
C VAL A 174 -5.75 9.35 9.69
N SER A 175 -6.97 8.98 10.10
CA SER A 175 -8.10 9.91 10.02
C SER A 175 -7.84 11.16 10.85
N GLY A 176 -7.16 11.00 12.00
CA GLY A 176 -6.85 12.16 12.83
C GLY A 176 -5.81 13.09 12.20
N ILE A 177 -4.84 12.52 11.50
CA ILE A 177 -3.86 13.35 10.77
C ILE A 177 -4.58 14.19 9.73
N LEU A 178 -5.51 13.57 9.00
CA LEU A 178 -6.21 14.28 7.94
C LEU A 178 -7.18 15.31 8.50
N ALA A 179 -7.89 14.98 9.59
CA ALA A 179 -9.11 15.72 9.90
C ALA A 179 -9.51 15.79 11.37
N GLY A 180 -8.70 15.33 12.32
CA GLY A 180 -9.09 15.47 13.71
C GLY A 180 -9.22 16.94 14.10
N ASN A 181 -10.25 17.25 14.89
CA ASN A 181 -10.52 18.65 15.21
C ASN A 181 -9.96 19.09 16.56
N GLY A 182 -9.15 18.25 17.23
CA GLY A 182 -8.54 18.63 18.50
C GLY A 182 -9.51 18.85 19.65
N ARG A 183 -10.66 18.19 19.62
CA ARG A 183 -11.66 18.43 20.66
C ARG A 183 -11.12 18.12 22.06
N ILE A 184 -10.46 16.98 22.23
CA ILE A 184 -9.96 16.63 23.56
C ILE A 184 -8.72 17.47 23.89
N ASN A 185 -7.76 17.52 22.97
CA ASN A 185 -6.54 18.31 23.16
C ASN A 185 -6.32 19.13 21.91
N SER A 186 -6.51 20.46 22.01
CA SER A 186 -6.51 21.31 20.82
C SER A 186 -5.14 21.29 20.12
N GLN A 187 -4.08 21.05 20.88
CA GLN A 187 -2.75 21.00 20.29
C GLN A 187 -2.58 19.89 19.26
N TYR A 188 -3.42 18.87 19.31
CA TYR A 188 -3.22 17.66 18.52
C TYR A 188 -4.06 17.61 17.25
N ARG A 189 -4.76 18.70 16.91
CA ARG A 189 -5.63 18.76 15.74
C ARG A 189 -4.90 18.40 14.44
N GLY A 190 -5.66 17.87 13.47
CA GLY A 190 -5.15 17.49 12.16
C GLY A 190 -5.13 18.65 11.18
N ILE A 191 -5.01 18.30 9.90
CA ILE A 191 -4.59 19.28 8.88
C ILE A 191 -5.78 20.04 8.27
N THR A 192 -6.87 19.34 7.95
CA THR A 192 -8.03 19.96 7.33
C THR A 192 -9.14 20.13 8.37
N THR A 193 -9.98 21.15 8.15
CA THR A 193 -11.16 21.35 9.00
C THR A 193 -12.47 21.16 8.26
N GLU A 194 -12.48 21.24 6.92
CA GLU A 194 -13.74 21.13 6.19
C GLU A 194 -13.74 20.04 5.12
N SER A 195 -12.71 19.20 5.05
CA SER A 195 -12.73 18.04 4.17
C SER A 195 -13.57 16.94 4.78
N ASP A 196 -14.18 16.11 3.92
CA ASP A 196 -14.99 14.97 4.34
C ASP A 196 -14.19 13.69 4.23
N LEU A 197 -14.38 12.78 5.17
CA LEU A 197 -13.71 11.47 5.12
C LEU A 197 -14.62 10.42 4.49
N ILE A 198 -14.04 9.61 3.60
CA ILE A 198 -14.65 8.36 3.13
C ILE A 198 -13.79 7.24 3.67
N VAL A 199 -14.36 6.36 4.48
CA VAL A 199 -13.59 5.37 5.20
C VAL A 199 -14.00 3.97 4.76
N VAL A 200 -13.02 3.13 4.46
CA VAL A 200 -13.27 1.70 4.25
C VAL A 200 -12.46 0.94 5.30
N LYS A 201 -13.14 0.08 6.05
CA LYS A 201 -12.46 -0.89 6.91
C LYS A 201 -12.31 -2.19 6.12
N LEU A 202 -11.06 -2.56 5.81
CA LEU A 202 -10.80 -3.75 5.02
C LEU A 202 -10.95 -5.02 5.85
N LYS A 203 -11.34 -6.10 5.17
CA LYS A 203 -11.31 -7.42 5.78
C LYS A 203 -9.90 -7.73 6.23
N SER A 204 -9.77 -8.37 7.39
CA SER A 204 -8.44 -8.70 7.87
C SER A 204 -8.27 -10.22 8.00
N TYR A 205 -7.01 -10.63 7.97
CA TYR A 205 -6.59 -12.01 8.00
C TYR A 205 -5.43 -12.12 8.99
N THR A 206 -5.35 -13.24 9.70
CA THR A 206 -4.33 -13.41 10.72
CA THR A 206 -4.33 -13.41 10.72
C THR A 206 -3.47 -14.63 10.42
N ASP A 207 -2.21 -14.56 10.89
CA ASP A 207 -1.28 -15.69 10.89
C ASP A 207 -0.93 -16.18 9.50
N THR A 208 -0.93 -15.30 8.50
CA THR A 208 -0.61 -15.74 7.15
C THR A 208 0.81 -16.28 7.07
N TYR A 209 1.78 -15.55 7.65
CA TYR A 209 3.14 -16.04 7.74
C TYR A 209 3.63 -16.23 9.18
N TYR A 210 3.17 -15.40 10.11
CA TYR A 210 3.70 -15.39 11.47
C TYR A 210 2.56 -15.18 12.44
N ALA A 211 2.60 -15.91 13.55
CA ALA A 211 1.50 -15.89 14.50
C ALA A 211 1.27 -14.50 15.05
N GLY A 212 0.01 -14.08 15.06
CA GLY A 212 -0.39 -12.82 15.63
C GLY A 212 -0.36 -11.64 14.68
N ARG A 213 0.17 -11.81 13.47
CA ARG A 213 0.26 -10.70 12.54
C ARG A 213 -0.98 -10.62 11.66
N ILE A 214 -1.41 -9.40 11.37
CA ILE A 214 -2.63 -9.13 10.63
C ILE A 214 -2.27 -8.59 9.26
N ASN A 215 -2.96 -9.09 8.23
CA ASN A 215 -2.81 -8.54 6.89
C ASN A 215 -4.18 -8.30 6.26
N TYR A 216 -4.15 -7.54 5.16
CA TYR A 216 -5.27 -7.32 4.26
C TYR A 216 -4.97 -8.03 2.94
N SER A 217 -5.89 -7.91 1.98
CA SER A 217 -5.74 -8.62 0.73
C SER A 217 -6.01 -7.70 -0.45
N VAL A 218 -5.22 -7.88 -1.53
CA VAL A 218 -5.35 -7.01 -2.71
C VAL A 218 -6.78 -6.95 -3.23
N SER A 219 -7.45 -8.09 -3.36
CA SER A 219 -8.79 -8.09 -3.95
CA SER A 219 -8.79 -8.09 -3.95
C SER A 219 -9.72 -7.16 -3.19
N ASP A 220 -9.69 -7.24 -1.85
CA ASP A 220 -10.57 -6.40 -1.03
C ASP A 220 -10.18 -4.93 -1.14
N PHE A 221 -8.88 -4.67 -1.23
CA PHE A 221 -8.37 -3.31 -1.43
C PHE A 221 -8.85 -2.73 -2.75
N LEU A 222 -8.77 -3.52 -3.83
CA LEU A 222 -9.24 -3.02 -5.12
C LEU A 222 -10.73 -2.72 -5.09
N ALA A 223 -11.51 -3.54 -4.38
CA ALA A 223 -12.93 -3.25 -4.20
C ALA A 223 -13.13 -1.95 -3.43
N ALA A 224 -12.28 -1.68 -2.42
CA ALA A 224 -12.34 -0.40 -1.72
C ALA A 224 -12.05 0.77 -2.65
N ILE A 225 -11.07 0.62 -3.55
CA ILE A 225 -10.79 1.66 -4.53
C ILE A 225 -12.02 1.94 -5.39
N THR A 226 -12.70 0.87 -5.83
CA THR A 226 -13.93 1.03 -6.60
C THR A 226 -14.97 1.80 -5.81
N TYR A 227 -15.12 1.47 -4.53
CA TYR A 227 -16.14 2.12 -3.71
C TYR A 227 -15.86 3.61 -3.55
N VAL A 228 -14.62 3.97 -3.17
CA VAL A 228 -14.38 5.39 -2.85
C VAL A 228 -14.42 6.22 -4.13
N THR A 229 -14.01 5.66 -5.26
CA THR A 229 -14.12 6.42 -6.51
C THR A 229 -15.56 6.51 -6.98
N ASN A 230 -16.38 5.48 -6.75
CA ASN A 230 -17.82 5.59 -7.01
C ASN A 230 -18.41 6.76 -6.25
N ILE A 231 -18.02 6.91 -4.97
CA ILE A 231 -18.57 7.97 -4.15
C ILE A 231 -18.15 9.32 -4.71
N ALA A 232 -16.87 9.46 -5.09
CA ALA A 232 -16.40 10.72 -5.65
C ALA A 232 -17.14 11.09 -6.92
N ARG A 233 -17.44 10.11 -7.76
CA ARG A 233 -18.19 10.37 -8.98
C ARG A 233 -19.60 10.88 -8.66
N THR A 234 -20.25 10.27 -7.66
CA THR A 234 -21.59 10.68 -7.25
C THR A 234 -21.58 12.08 -6.62
N GLU A 235 -20.64 12.32 -5.69
CA GLU A 235 -20.58 13.59 -5.00
C GLU A 235 -20.02 14.70 -5.88
N ASN A 236 -19.34 14.35 -6.98
CA ASN A 236 -18.77 15.33 -7.90
C ASN A 236 -17.85 16.32 -7.17
N LYS A 237 -16.94 15.77 -6.37
CA LYS A 237 -15.91 16.52 -5.69
C LYS A 237 -14.56 15.87 -5.91
N PRO A 238 -13.47 16.65 -5.84
CA PRO A 238 -12.14 16.04 -5.94
C PRO A 238 -11.92 15.03 -4.82
N LEU A 239 -11.06 14.05 -5.08
CA LEU A 239 -10.81 12.95 -4.17
C LEU A 239 -9.32 12.71 -4.09
N ILE A 240 -8.79 12.63 -2.86
CA ILE A 240 -7.41 12.17 -2.67
C ILE A 240 -7.50 10.82 -1.97
N ILE A 241 -6.88 9.81 -2.58
CA ILE A 241 -6.82 8.46 -2.01
C ILE A 241 -5.45 8.29 -1.37
N ASN A 242 -5.43 8.02 -0.07
CA ASN A 242 -4.21 7.95 0.72
C ASN A 242 -3.90 6.47 0.96
N LEU A 243 -2.82 5.97 0.36
CA LEU A 243 -2.46 4.56 0.54
C LEU A 243 -1.55 4.43 1.76
N THR A 244 -2.11 3.90 2.85
CA THR A 244 -1.42 3.68 4.11
C THR A 244 -1.17 2.21 4.38
N ILE A 245 -1.43 1.37 3.37
CA ILE A 245 -1.13 -0.05 3.35
C ILE A 245 -0.44 -0.33 2.03
N GLY A 246 0.27 -1.44 1.97
CA GLY A 246 1.00 -1.77 0.75
C GLY A 246 1.22 -3.27 0.61
N VAL A 247 1.37 -3.71 -0.64
CA VAL A 247 1.79 -5.07 -0.93
C VAL A 247 3.29 -5.19 -0.67
N LYS A 248 3.87 -6.33 -1.05
CA LYS A 248 5.31 -6.47 -0.87
C LYS A 248 6.07 -5.51 -1.79
N SER A 249 7.33 -5.28 -1.45
CA SER A 249 8.18 -4.41 -2.23
C SER A 249 8.54 -5.05 -3.57
N SER A 250 8.98 -4.21 -4.50
CA SER A 250 9.37 -4.69 -5.82
CA SER A 250 9.37 -4.69 -5.82
C SER A 250 10.36 -3.72 -6.43
N ALA A 251 11.02 -4.17 -7.49
CA ALA A 251 11.93 -3.35 -8.26
C ALA A 251 11.26 -2.82 -9.52
N VAL A 252 10.11 -3.38 -9.89
CA VAL A 252 9.39 -2.91 -11.06
C VAL A 252 8.87 -1.51 -10.82
N ALA A 253 8.95 -0.67 -11.84
CA ALA A 253 8.52 0.73 -11.75
C ALA A 253 7.38 1.03 -12.70
N THR A 254 6.79 0.02 -13.32
CA THR A 254 5.72 0.25 -14.26
C THR A 254 4.40 0.38 -13.49
N THR A 255 3.33 0.63 -14.22
CA THR A 255 2.04 0.77 -13.59
C THR A 255 1.53 -0.57 -13.08
N SER A 256 0.64 -0.49 -12.12
CA SER A 256 0.07 -1.67 -11.49
C SER A 256 -1.33 -1.91 -12.04
N ILE A 257 -2.03 -2.87 -11.44
CA ILE A 257 -3.41 -3.12 -11.83
C ILE A 257 -4.32 -1.95 -11.50
N LEU A 258 -3.84 -0.99 -10.68
CA LEU A 258 -4.61 0.23 -10.48
C LEU A 258 -4.81 0.99 -11.77
N ASP A 259 -3.97 0.76 -12.79
CA ASP A 259 -4.13 1.44 -14.06
C ASP A 259 -5.37 0.99 -14.83
N THR A 260 -6.07 -0.07 -14.37
CA THR A 260 -7.31 -0.46 -15.02
C THR A 260 -8.47 0.49 -14.72
N PHE A 261 -8.35 1.30 -13.67
CA PHE A 261 -9.40 2.25 -13.31
C PHE A 261 -9.21 3.53 -14.13
N ASN A 262 -10.09 3.77 -15.09
CA ASN A 262 -10.00 5.00 -15.88
C ASN A 262 -10.18 6.23 -15.00
N ILE A 263 -10.95 6.12 -13.93
CA ILE A 263 -11.20 7.27 -13.06
C ILE A 263 -9.92 7.74 -12.40
N LEU A 264 -8.94 6.84 -12.22
CA LEU A 264 -7.68 7.27 -11.61
C LEU A 264 -6.81 8.07 -12.58
N SER A 265 -7.22 8.26 -13.83
CA SER A 265 -6.57 9.17 -14.75
C SER A 265 -7.37 10.43 -14.99
N SER A 266 -8.40 10.67 -14.18
CA SER A 266 -9.23 11.85 -14.37
CA SER A 266 -9.27 11.83 -14.33
C SER A 266 -8.73 13.00 -13.52
N ALA A 267 -9.10 14.21 -13.92
CA ALA A 267 -8.79 15.38 -13.12
C ALA A 267 -9.51 15.30 -11.79
N GLY A 268 -8.85 15.77 -10.73
CA GLY A 268 -9.47 15.76 -9.42
C GLY A 268 -9.51 14.41 -8.73
N VAL A 269 -8.74 13.43 -9.17
CA VAL A 269 -8.62 12.16 -8.46
C VAL A 269 -7.13 11.87 -8.33
N VAL A 270 -6.62 11.87 -7.10
CA VAL A 270 -5.18 11.85 -6.86
C VAL A 270 -4.88 10.71 -5.90
N VAL A 271 -3.85 9.91 -6.22
CA VAL A 271 -3.40 8.83 -5.35
C VAL A 271 -2.06 9.21 -4.71
N VAL A 272 -2.00 9.16 -3.38
CA VAL A 272 -0.80 9.40 -2.60
C VAL A 272 -0.51 8.13 -1.84
N SER A 273 0.74 7.64 -1.89
CA SER A 273 1.11 6.42 -1.18
C SER A 273 2.37 6.62 -0.36
N GLY A 274 2.43 5.97 0.80
CA GLY A 274 3.72 5.83 1.45
C GLY A 274 4.69 5.04 0.57
N ALA A 275 5.98 5.34 0.72
CA ALA A 275 6.97 4.67 -0.11
C ALA A 275 7.17 3.21 0.28
N GLY A 276 6.79 2.83 1.50
CA GLY A 276 7.14 1.53 2.03
C GLY A 276 8.03 1.65 3.25
N ASN A 277 7.96 0.67 4.14
CA ASN A 277 8.72 0.71 5.38
C ASN A 277 9.79 -0.38 5.40
N GLN A 278 10.40 -0.65 4.23
CA GLN A 278 11.37 -1.73 4.13
C GLN A 278 12.80 -1.23 3.93
N GLY A 279 13.07 0.01 4.35
CA GLY A 279 14.41 0.57 4.16
C GLY A 279 15.51 -0.12 4.95
N ASN A 280 15.18 -0.75 6.08
CA ASN A 280 16.21 -1.40 6.91
C ASN A 280 15.78 -2.77 7.39
N THR A 281 14.80 -3.39 6.73
CA THR A 281 14.24 -4.64 7.19
C THR A 281 14.86 -5.87 6.53
N ASP A 282 15.72 -5.66 5.52
CA ASP A 282 16.50 -6.74 4.92
C ASP A 282 15.62 -7.76 4.21
N ILE A 283 14.51 -7.30 3.62
CA ILE A 283 13.63 -8.22 2.89
C ILE A 283 13.92 -8.23 1.39
N HIS A 284 14.96 -7.54 0.93
CA HIS A 284 15.28 -7.47 -0.49
C HIS A 284 16.71 -7.92 -0.74
N TYR A 285 16.89 -8.79 -1.74
CA TYR A 285 18.21 -9.21 -2.20
C TYR A 285 18.39 -8.75 -3.65
N SER A 286 19.53 -8.14 -3.95
CA SER A 286 19.89 -7.81 -5.33
C SER A 286 21.14 -8.58 -5.72
N GLY A 287 21.13 -9.14 -6.94
CA GLY A 287 22.24 -9.92 -7.41
C GLY A 287 22.48 -9.66 -8.89
N ARG A 288 23.59 -10.20 -9.40
CA ARG A 288 23.92 -10.04 -10.80
C ARG A 288 24.74 -11.23 -11.27
N PHE A 289 24.22 -11.93 -12.29
CA PHE A 289 24.99 -12.95 -12.98
C PHE A 289 25.87 -12.31 -14.04
N SER A 290 27.09 -12.83 -14.19
CA SER A 290 27.97 -12.37 -15.25
C SER A 290 28.05 -13.34 -16.43
N SER A 291 27.47 -14.52 -16.32
CA SER A 291 27.49 -15.47 -17.43
C SER A 291 26.29 -16.42 -17.32
N VAL A 292 26.03 -17.13 -18.41
CA VAL A 292 25.00 -18.16 -18.46
C VAL A 292 25.54 -19.43 -17.83
N GLY A 293 24.69 -20.15 -17.08
CA GLY A 293 25.12 -21.34 -16.38
C GLY A 293 25.76 -21.07 -15.04
N GLU A 294 25.92 -19.80 -14.66
CA GLU A 294 26.48 -19.45 -13.37
C GLU A 294 25.50 -19.83 -12.26
N VAL A 295 26.02 -20.30 -11.15
CA VAL A 295 25.22 -20.66 -9.98
C VAL A 295 25.54 -19.70 -8.85
N GLN A 296 24.50 -19.11 -8.25
CA GLN A 296 24.65 -18.25 -7.09
C GLN A 296 23.72 -18.72 -5.99
N ASP A 297 24.23 -18.72 -4.75
CA ASP A 297 23.45 -19.13 -3.60
C ASP A 297 23.04 -17.90 -2.81
N VAL A 298 21.74 -17.79 -2.52
CA VAL A 298 21.18 -16.66 -1.78
C VAL A 298 20.75 -17.18 -0.42
N ILE A 299 21.27 -16.56 0.64
CA ILE A 299 21.13 -17.07 2.00
C ILE A 299 19.97 -16.38 2.69
N ILE A 300 19.01 -17.17 3.17
CA ILE A 300 17.85 -16.65 3.89
C ILE A 300 17.86 -17.22 5.29
N GLN A 301 17.82 -16.35 6.29
CA GLN A 301 17.60 -16.77 7.66
C GLN A 301 16.10 -16.71 7.93
N ASP A 302 15.55 -17.79 8.49
CA ASP A 302 14.17 -17.79 8.91
C ASP A 302 14.09 -17.78 10.42
N GLY A 303 13.25 -16.90 10.97
CA GLY A 303 12.84 -16.99 12.36
C GLY A 303 11.72 -18.00 12.52
N ASP A 304 10.88 -17.79 13.52
CA ASP A 304 9.81 -18.75 13.80
C ASP A 304 8.57 -18.50 12.94
N ASP A 305 8.75 -18.40 11.62
CA ASP A 305 7.60 -18.24 10.74
C ASP A 305 6.83 -19.54 10.63
N TYR A 306 5.53 -19.42 10.36
CA TYR A 306 4.75 -20.57 9.93
C TYR A 306 4.92 -20.81 8.43
N ALA A 307 4.96 -19.73 7.65
CA ALA A 307 5.01 -19.84 6.20
C ALA A 307 5.78 -18.65 5.66
N LEU A 308 6.22 -18.76 4.39
CA LEU A 308 6.97 -17.71 3.74
C LEU A 308 6.68 -17.76 2.25
N ASP A 309 6.53 -16.58 1.64
CA ASP A 309 6.43 -16.42 0.20
C ASP A 309 7.64 -15.63 -0.29
N ILE A 310 8.31 -16.16 -1.31
CA ILE A 310 9.50 -15.54 -1.88
C ILE A 310 9.24 -15.26 -3.35
N THR A 311 9.53 -14.03 -3.79
CA THR A 311 9.34 -13.61 -5.19
C THR A 311 10.68 -13.27 -5.81
N LEU A 312 10.98 -13.86 -6.96
CA LEU A 312 12.18 -13.53 -7.72
C LEU A 312 11.78 -12.86 -9.04
N ASN A 313 12.38 -11.69 -9.30
CA ASN A 313 12.16 -10.93 -10.52
C ASN A 313 13.50 -10.68 -11.21
N THR A 314 13.53 -10.80 -12.53
CA THR A 314 14.80 -10.73 -13.26
C THR A 314 15.02 -9.43 -14.02
N ASN A 315 14.07 -8.48 -13.98
CA ASN A 315 14.25 -7.14 -14.55
C ASN A 315 14.81 -7.20 -15.98
N GLY A 316 13.96 -7.67 -16.89
CA GLY A 316 14.34 -7.82 -18.28
C GLY A 316 14.06 -9.22 -18.78
N PRO A 317 14.66 -9.58 -19.91
CA PRO A 317 14.44 -10.91 -20.49
C PRO A 317 15.20 -12.02 -19.79
N ASP A 318 16.02 -11.70 -18.80
CA ASP A 318 16.87 -12.70 -18.18
C ASP A 318 16.03 -13.82 -17.58
N LYS A 319 16.51 -15.05 -17.75
CA LYS A 319 15.84 -16.26 -17.25
C LYS A 319 16.73 -16.93 -16.23
N VAL A 320 16.15 -17.31 -15.09
CA VAL A 320 16.91 -17.87 -13.97
C VAL A 320 16.16 -19.09 -13.42
N GLY A 321 16.89 -20.20 -13.23
CA GLY A 321 16.34 -21.35 -12.54
C GLY A 321 16.57 -21.27 -11.04
N ALA A 322 15.89 -22.15 -10.29
CA ALA A 322 15.96 -22.03 -8.84
C ALA A 322 15.72 -23.37 -8.14
N GLN A 323 16.39 -23.52 -7.01
CA GLN A 323 16.28 -24.69 -6.15
C GLN A 323 16.32 -24.22 -4.70
N ILE A 324 15.51 -24.85 -3.83
CA ILE A 324 15.48 -24.55 -2.41
C ILE A 324 16.23 -25.63 -1.65
N ILE A 325 17.06 -25.22 -0.69
CA ILE A 325 17.84 -26.14 0.12
C ILE A 325 17.54 -25.87 1.59
N SER A 326 17.16 -26.92 2.32
CA SER A 326 16.79 -26.81 3.72
C SER A 326 18.05 -26.78 4.60
N PRO A 327 17.92 -26.34 5.86
CA PRO A 327 19.11 -26.27 6.73
C PRO A 327 19.81 -27.61 6.89
N SER A 328 19.09 -28.72 6.72
CA SER A 328 19.68 -30.05 6.83
CA SER A 328 19.69 -30.04 6.83
C SER A 328 20.25 -30.56 5.52
N GLY A 329 20.08 -29.83 4.42
CA GLY A 329 20.65 -30.23 3.15
C GLY A 329 19.70 -30.87 2.16
N GLU A 330 18.44 -31.10 2.55
CA GLU A 330 17.48 -31.62 1.59
C GLU A 330 17.19 -30.56 0.54
N VAL A 331 17.03 -31.00 -0.71
CA VAL A 331 16.85 -30.06 -1.82
C VAL A 331 15.48 -30.29 -2.46
N SER A 332 14.98 -29.23 -3.10
CA SER A 332 13.75 -29.25 -3.86
C SER A 332 14.04 -29.62 -5.32
N HIS A 333 12.98 -29.64 -6.13
CA HIS A 333 13.17 -29.67 -7.58
C HIS A 333 14.02 -28.48 -7.99
N ASP A 334 14.93 -28.70 -8.94
CA ASP A 334 15.70 -27.61 -9.55
C ASP A 334 14.92 -27.15 -10.77
N ILE A 335 14.09 -26.12 -10.59
CA ILE A 335 13.12 -25.77 -11.62
C ILE A 335 13.77 -24.94 -12.71
N ARG A 336 13.27 -25.10 -13.93
CA ARG A 336 13.71 -24.33 -15.09
C ARG A 336 12.48 -23.85 -15.84
N TYR A 337 12.68 -22.84 -16.68
CA TYR A 337 11.57 -22.33 -17.49
C TYR A 337 10.98 -23.43 -18.35
N SER A 338 9.66 -23.53 -18.34
CA SER A 338 8.92 -24.48 -19.15
C SER A 338 7.59 -23.81 -19.49
N PRO A 339 7.11 -23.96 -20.72
CA PRO A 339 5.85 -23.31 -21.12
C PRO A 339 4.61 -24.07 -20.63
N ASP A 340 4.46 -24.15 -19.31
CA ASP A 340 3.30 -24.78 -18.70
C ASP A 340 3.07 -24.17 -17.32
N PHE A 341 1.90 -24.46 -16.75
CA PHE A 341 1.52 -23.92 -15.45
C PHE A 341 1.84 -24.88 -14.31
N TYR A 342 2.87 -25.70 -14.45
CA TYR A 342 3.14 -26.73 -13.46
C TYR A 342 3.53 -26.13 -12.12
N ILE A 343 3.00 -26.69 -11.04
CA ILE A 343 3.36 -26.33 -9.68
C ILE A 343 4.21 -27.47 -9.11
N TYR A 344 5.48 -27.21 -8.86
CA TYR A 344 6.36 -28.20 -8.28
C TYR A 344 6.20 -28.20 -6.76
N ARG A 345 5.92 -29.37 -6.20
CA ARG A 345 5.64 -29.51 -4.78
C ARG A 345 6.55 -30.58 -4.19
N GLY A 346 6.78 -30.47 -2.89
CA GLY A 346 7.53 -31.49 -2.20
C GLY A 346 7.65 -31.17 -0.73
N LYS A 347 8.47 -31.95 -0.05
CA LYS A 347 8.56 -31.91 1.40
C LYS A 347 10.01 -32.10 1.81
N PHE A 348 10.49 -31.23 2.69
CA PHE A 348 11.77 -31.41 3.36
C PHE A 348 11.51 -32.26 4.60
N ASN A 349 11.96 -33.52 4.54
CA ASN A 349 11.47 -34.53 5.47
C ASN A 349 11.88 -34.21 6.91
N LEU A 350 13.16 -33.94 7.14
CA LEU A 350 13.61 -33.66 8.51
C LEU A 350 12.90 -32.43 9.08
N GLU A 351 12.84 -31.35 8.29
CA GLU A 351 12.18 -30.14 8.75
C GLU A 351 10.67 -30.27 8.80
N ASN A 352 10.09 -31.22 8.05
CA ASN A 352 8.63 -31.32 7.89
C ASN A 352 8.06 -30.03 7.29
N THR A 353 8.82 -29.45 6.36
CA THR A 353 8.40 -28.26 5.63
C THR A 353 8.01 -28.67 4.21
N THR A 354 6.93 -28.09 3.70
CA THR A 354 6.52 -28.34 2.34
C THR A 354 6.77 -27.10 1.49
N TYR A 355 6.92 -27.31 0.18
CA TYR A 355 7.15 -26.20 -0.73
C TYR A 355 6.24 -26.33 -1.94
N ALA A 356 5.96 -25.18 -2.53
CA ALA A 356 5.29 -25.09 -3.83
C ALA A 356 6.01 -24.01 -4.61
N MET A 357 6.54 -24.35 -5.77
CA MET A 357 7.21 -23.35 -6.60
C MET A 357 6.57 -23.36 -7.98
N ARG A 358 6.43 -22.19 -8.56
CA ARG A 358 5.75 -22.06 -9.84
C ARG A 358 6.11 -20.70 -10.42
N PHE A 359 6.00 -20.59 -11.74
CA PHE A 359 6.16 -19.32 -12.40
C PHE A 359 4.83 -18.60 -12.46
N ILE A 360 4.86 -17.31 -12.16
CA ILE A 360 3.69 -16.45 -12.08
C ILE A 360 3.76 -15.47 -13.23
N TYR A 361 2.60 -15.04 -13.72
CA TYR A 361 2.51 -14.04 -14.79
C TYR A 361 1.71 -12.85 -14.30
N PRO A 362 2.29 -12.03 -13.43
CA PRO A 362 1.53 -10.91 -12.86
C PRO A 362 1.24 -9.84 -13.90
N TYR A 363 0.11 -9.16 -13.70
CA TYR A 363 -0.31 -8.12 -14.63
C TYR A 363 0.77 -7.06 -14.80
N ILE A 364 1.50 -6.75 -13.73
CA ILE A 364 2.41 -5.61 -13.78
C ILE A 364 3.60 -5.86 -14.72
N THR A 365 4.04 -7.11 -14.87
CA THR A 365 5.19 -7.40 -15.70
C THR A 365 4.83 -7.76 -17.14
N SER A 366 3.55 -7.63 -17.52
CA SER A 366 3.14 -7.60 -18.92
C SER A 366 3.46 -8.89 -19.68
N GLY A 367 3.46 -10.03 -18.98
CA GLY A 367 3.70 -11.32 -19.61
C GLY A 367 5.02 -11.94 -19.24
N LYS A 368 5.96 -11.14 -18.74
CA LYS A 368 7.20 -11.68 -18.21
C LYS A 368 6.91 -12.50 -16.96
N GLU A 369 7.48 -13.69 -16.88
CA GLU A 369 7.27 -14.55 -15.73
C GLU A 369 8.09 -14.09 -14.55
N ASN A 370 7.58 -14.35 -13.35
CA ASN A 370 8.35 -14.25 -12.13
C ASN A 370 8.25 -15.59 -11.42
N LEU A 371 9.18 -15.84 -10.52
CA LEU A 371 9.19 -17.09 -9.79
C LEU A 371 8.63 -16.89 -8.39
N GLU A 372 7.64 -17.70 -8.02
CA GLU A 372 7.06 -17.67 -6.69
C GLU A 372 7.38 -18.96 -5.95
N ILE A 373 7.91 -18.81 -4.74
CA ILE A 373 8.23 -19.95 -3.89
C ILE A 373 7.41 -19.81 -2.62
N ARG A 374 6.62 -20.82 -2.30
CA ARG A 374 5.83 -20.86 -1.07
C ARG A 374 6.34 -21.98 -0.19
N LEU A 375 6.78 -21.61 1.02
CA LEU A 375 7.21 -22.58 2.02
C LEU A 375 6.18 -22.59 3.15
N ARG A 376 5.71 -23.78 3.50
CA ARG A 376 4.66 -23.97 4.51
C ARG A 376 5.22 -24.82 5.64
N ASP A 377 4.88 -24.43 6.87
CA ASP A 377 5.41 -25.09 8.08
C ASP A 377 6.93 -25.01 8.11
N ILE A 378 7.46 -23.82 7.76
CA ILE A 378 8.90 -23.61 7.69
C ILE A 378 9.48 -23.63 9.10
N LYS A 379 10.71 -24.11 9.22
CA LYS A 379 11.36 -24.20 10.51
C LYS A 379 12.54 -23.24 10.58
N PRO A 380 12.90 -22.76 11.77
CA PRO A 380 13.96 -21.76 11.86
C PRO A 380 15.31 -22.31 11.41
N GLY A 381 16.09 -21.45 10.81
CA GLY A 381 17.42 -21.80 10.39
C GLY A 381 17.76 -21.14 9.08
N VAL A 382 18.87 -21.58 8.50
CA VAL A 382 19.41 -21.01 7.28
C VAL A 382 18.85 -21.79 6.10
N TRP A 383 18.06 -21.13 5.25
CA TRP A 383 17.55 -21.68 4.01
C TRP A 383 18.30 -21.08 2.84
N ILE A 384 18.48 -21.87 1.78
CA ILE A 384 19.28 -21.44 0.64
C ILE A 384 18.44 -21.50 -0.61
N LEU A 385 18.46 -20.39 -1.36
CA LEU A 385 17.90 -20.33 -2.70
C LEU A 385 19.06 -20.40 -3.68
N ARG A 386 19.17 -21.52 -4.39
CA ARG A 386 20.26 -21.77 -5.34
C ARG A 386 19.77 -21.42 -6.73
N LEU A 387 20.36 -20.38 -7.33
CA LEU A 387 19.91 -19.83 -8.60
C LEU A 387 20.91 -20.12 -9.70
N THR A 388 20.41 -20.50 -10.87
CA THR A 388 21.22 -20.81 -12.04
C THR A 388 20.73 -19.96 -13.19
N SER A 389 21.64 -19.22 -13.82
CA SER A 389 21.24 -18.36 -14.92
C SER A 389 21.05 -19.19 -16.19
N GLU A 390 20.04 -18.83 -16.98
CA GLU A 390 19.74 -19.48 -18.25
C GLU A 390 19.90 -18.56 -19.46
N LEU A 391 19.57 -17.28 -19.31
CA LEU A 391 19.79 -16.27 -20.34
C LEU A 391 19.97 -14.95 -19.63
N ILE A 392 20.97 -14.17 -20.02
CA ILE A 392 21.21 -12.88 -19.39
C ILE A 392 21.48 -11.83 -20.46
N ILE A 393 21.10 -10.59 -20.14
CA ILE A 393 21.67 -9.42 -20.80
C ILE A 393 22.42 -8.63 -19.74
N SER A 394 21.69 -7.99 -18.83
CA SER A 394 22.34 -7.33 -17.70
C SER A 394 22.70 -8.32 -16.60
N GLY A 395 21.99 -9.44 -16.52
CA GLY A 395 22.22 -10.41 -15.47
C GLY A 395 21.63 -10.05 -14.12
N GLU A 396 21.00 -8.88 -14.00
CA GLU A 396 20.55 -8.41 -12.70
C GLU A 396 19.23 -9.06 -12.32
N TYR A 397 19.06 -9.30 -11.02
CA TYR A 397 17.81 -9.86 -10.52
C TYR A 397 17.57 -9.35 -9.10
N ASP A 398 16.31 -9.47 -8.67
CA ASP A 398 15.90 -9.02 -7.35
C ASP A 398 15.01 -10.08 -6.72
N ILE A 399 15.14 -10.25 -5.40
CA ILE A 399 14.32 -11.20 -4.66
C ILE A 399 13.71 -10.48 -3.48
N TYR A 400 12.43 -10.75 -3.20
CA TYR A 400 11.72 -10.09 -2.11
C TYR A 400 11.03 -11.10 -1.20
N LEU A 401 11.16 -10.86 0.10
CA LEU A 401 10.34 -11.50 1.12
C LEU A 401 9.12 -10.63 1.38
N PRO A 402 8.12 -11.13 2.11
CA PRO A 402 6.98 -10.27 2.48
C PRO A 402 7.43 -9.12 3.36
N ASN A 403 6.54 -8.13 3.48
CA ASN A 403 6.82 -6.99 4.34
C ASN A 403 7.16 -7.48 5.75
N LYS A 404 8.12 -6.79 6.38
CA LYS A 404 8.66 -7.24 7.66
C LYS A 404 7.60 -7.35 8.73
N ASN A 405 6.61 -6.47 8.70
CA ASN A 405 5.59 -6.52 9.76
C ASN A 405 4.62 -7.68 9.58
N LEU A 406 4.83 -8.54 8.57
CA LEU A 406 4.07 -9.76 8.44
C LEU A 406 4.84 -11.03 8.78
N ILE A 407 6.16 -10.94 9.02
CA ILE A 407 6.99 -12.13 9.19
C ILE A 407 7.77 -12.00 10.50
N ALA A 408 8.50 -13.06 10.84
CA ALA A 408 9.22 -13.12 12.10
C ALA A 408 10.30 -12.03 12.16
N PRO A 409 10.59 -11.50 13.34
CA PRO A 409 11.62 -10.46 13.45
C PRO A 409 12.97 -10.86 12.88
N ASP A 410 13.36 -12.13 12.98
CA ASP A 410 14.68 -12.57 12.52
C ASP A 410 14.66 -13.12 11.10
N THR A 411 13.54 -13.06 10.39
CA THR A 411 13.52 -13.58 9.02
C THR A 411 14.06 -12.50 8.09
N ARG A 412 15.13 -12.82 7.35
CA ARG A 412 15.78 -11.81 6.52
CA ARG A 412 15.77 -11.81 6.51
C ARG A 412 16.76 -12.46 5.57
N PHE A 413 17.14 -11.72 4.54
CA PHE A 413 18.28 -12.10 3.73
C PHE A 413 19.57 -11.81 4.49
N LEU A 414 20.54 -12.73 4.36
CA LEU A 414 21.86 -12.52 4.93
C LEU A 414 22.56 -11.32 4.32
N ASP A 415 22.39 -11.11 3.01
CA ASP A 415 23.09 -10.07 2.25
C ASP A 415 22.08 -9.16 1.59
N PRO A 416 21.44 -8.28 2.35
CA PRO A 416 20.33 -7.47 1.83
C PRO A 416 20.82 -6.24 1.08
N ASP A 417 19.86 -5.63 0.36
CA ASP A 417 20.06 -4.37 -0.35
C ASP A 417 18.89 -3.46 0.00
N SER A 418 19.19 -2.29 0.58
CA SER A 418 18.13 -1.36 0.93
C SER A 418 17.63 -0.53 -0.26
N VAL A 419 18.41 -0.46 -1.35
CA VAL A 419 17.92 0.20 -2.56
C VAL A 419 16.81 -0.65 -3.17
N ALA A 420 15.88 0.01 -3.88
CA ALA A 420 14.79 -0.66 -4.58
C ALA A 420 13.91 -1.45 -3.63
N THR A 421 13.43 -0.79 -2.58
CA THR A 421 12.54 -1.39 -1.58
C THR A 421 11.17 -0.72 -1.57
N ILE A 422 10.84 0.03 -2.63
CA ILE A 422 9.52 0.69 -2.69
C ILE A 422 8.40 -0.35 -2.68
N THR A 423 7.36 -0.08 -1.89
CA THR A 423 6.17 -0.92 -1.96
C THR A 423 5.52 -0.80 -3.34
N MET A 424 5.04 -1.92 -3.87
CA MET A 424 4.83 -2.01 -5.31
CA MET A 424 4.77 -2.07 -5.30
C MET A 424 3.83 -0.98 -5.84
N TYR A 425 2.73 -0.73 -5.13
CA TYR A 425 1.77 0.22 -5.70
C TYR A 425 2.29 1.66 -5.69
N ALA A 426 3.36 1.94 -4.96
CA ALA A 426 3.96 3.26 -4.93
C ALA A 426 5.06 3.42 -5.96
N ALA A 427 5.30 2.40 -6.78
CA ALA A 427 6.41 2.44 -7.72
C ALA A 427 6.12 3.24 -8.97
N SER A 428 4.85 3.48 -9.30
CA SER A 428 4.56 4.04 -10.62
C SER A 428 4.49 5.57 -10.57
N ASP A 429 4.79 6.18 -11.73
CA ASP A 429 4.72 7.64 -11.81
C ASP A 429 3.29 8.15 -11.81
N ASP A 430 2.29 7.27 -11.76
CA ASP A 430 0.91 7.71 -11.66
C ASP A 430 0.48 7.98 -10.21
N VAL A 431 1.37 7.78 -9.24
CA VAL A 431 1.10 7.97 -7.82
C VAL A 431 2.10 8.98 -7.30
N ILE A 432 1.69 9.77 -6.31
CA ILE A 432 2.63 10.59 -5.55
C ILE A 432 3.13 9.74 -4.40
N THR A 433 4.43 9.46 -4.38
CA THR A 433 5.04 8.54 -3.41
C THR A 433 5.84 9.33 -2.38
N VAL A 434 5.60 9.05 -1.10
CA VAL A 434 6.13 9.87 0.00
C VAL A 434 6.96 9.00 0.92
N GLY A 435 8.23 9.37 1.13
CA GLY A 435 9.06 8.75 2.14
C GLY A 435 8.98 9.50 3.46
N THR A 436 9.71 9.00 4.46
CA THR A 436 9.58 9.50 5.83
C THR A 436 10.85 10.17 6.29
N PHE A 437 10.75 11.47 6.57
CA PHE A 437 11.80 12.25 7.23
C PHE A 437 11.61 12.18 8.74
N ASN A 438 12.74 12.17 9.46
CA ASN A 438 12.75 12.11 10.91
C ASN A 438 13.23 13.46 11.45
N ASN A 439 12.29 14.28 11.93
CA ASN A 439 12.68 15.59 12.44
C ASN A 439 13.56 15.51 13.68
N LYS A 440 13.50 14.41 14.41
CA LYS A 440 14.31 14.29 15.62
C LYS A 440 15.79 14.11 15.31
N THR A 441 16.12 13.43 14.21
CA THR A 441 17.51 13.23 13.81
C THR A 441 17.91 14.13 12.65
N ASP A 442 16.97 14.91 12.11
CA ASP A 442 17.22 15.76 10.95
C ASP A 442 17.74 14.94 9.77
N SER A 443 17.18 13.75 9.61
CA SER A 443 17.61 12.87 8.53
C SER A 443 16.47 11.93 8.20
N MET A 444 16.65 11.14 7.13
CA MET A 444 15.62 10.19 6.77
C MET A 444 15.42 9.14 7.85
N TRP A 445 14.17 8.74 8.06
CA TRP A 445 13.90 7.62 8.94
C TRP A 445 14.56 6.36 8.40
N ILE A 446 15.19 5.58 9.30
CA ILE A 446 15.95 4.41 8.87
C ILE A 446 15.07 3.38 8.17
N GLY A 447 13.77 3.37 8.45
CA GLY A 447 12.87 2.41 7.84
C GLY A 447 12.30 2.82 6.51
N SER A 448 12.57 4.03 6.03
CA SER A 448 11.92 4.52 4.82
C SER A 448 12.47 3.80 3.57
N SER A 449 11.56 3.21 2.77
CA SER A 449 11.98 2.50 1.57
C SER A 449 12.62 3.44 0.57
N LYS A 450 13.55 2.89 -0.23
CA LYS A 450 14.31 3.66 -1.19
C LYS A 450 13.97 3.23 -2.61
N GLY A 451 14.03 4.19 -3.53
CA GLY A 451 13.80 3.93 -4.92
C GLY A 451 14.89 3.10 -5.55
N PRO A 452 14.60 2.56 -6.73
CA PRO A 452 15.61 1.82 -7.49
C PRO A 452 16.58 2.75 -8.20
N ILE A 453 17.75 2.20 -8.53
CA ILE A 453 18.75 2.93 -9.30
C ILE A 453 18.44 2.86 -10.79
N ARG A 454 17.99 1.69 -11.26
CA ARG A 454 17.60 1.56 -12.66
C ARG A 454 16.39 2.43 -12.98
N GLY A 455 15.43 2.50 -12.06
CA GLY A 455 14.21 3.24 -12.26
C GLY A 455 12.99 2.36 -12.10
N ILE A 458 12.65 8.37 -10.53
CA ILE A 458 12.99 8.64 -9.13
C ILE A 458 11.79 8.37 -8.22
N LYS A 459 12.00 7.54 -7.21
CA LYS A 459 11.07 7.36 -6.10
C LYS A 459 11.87 7.37 -4.81
N PRO A 460 11.31 7.90 -3.69
CA PRO A 460 10.01 8.56 -3.61
C PRO A 460 10.05 9.89 -4.33
N ASP A 461 8.89 10.53 -4.49
CA ASP A 461 8.88 11.85 -5.10
C ASP A 461 9.33 12.92 -4.12
N ILE A 462 8.82 12.87 -2.89
CA ILE A 462 9.22 13.79 -1.82
C ILE A 462 9.15 13.01 -0.52
N VAL A 463 9.57 13.64 0.59
CA VAL A 463 9.42 13.03 1.91
C VAL A 463 8.75 14.04 2.83
N ALA A 464 8.25 13.54 3.96
CA ALA A 464 7.57 14.39 4.93
C ALA A 464 7.82 13.82 6.32
N SER A 465 7.72 14.70 7.31
CA SER A 465 7.90 14.28 8.70
C SER A 465 6.93 13.15 9.05
N GLY A 466 7.45 12.07 9.61
CA GLY A 466 6.57 10.94 9.92
C GLY A 466 7.09 10.03 11.01
N VAL A 467 7.85 10.57 11.97
CA VAL A 467 8.34 9.78 13.10
C VAL A 467 7.69 10.29 14.38
N ASP A 468 7.01 9.37 15.08
CA ASP A 468 6.34 9.65 16.38
C ASP A 468 5.38 10.83 16.28
N ILE A 469 4.52 10.80 15.26
CA ILE A 469 3.52 11.84 15.07
C ILE A 469 2.30 11.52 15.93
N ILE A 470 1.88 12.50 16.74
CA ILE A 470 0.73 12.34 17.65
C ILE A 470 -0.56 12.44 16.86
N SER A 471 -1.48 11.51 17.09
CA SER A 471 -2.79 11.60 16.45
C SER A 471 -3.83 10.86 17.27
N THR A 472 -5.07 10.97 16.81
CA THR A 472 -6.17 10.25 17.44
C THR A 472 -5.96 8.74 17.39
N TYR A 473 -6.40 8.04 18.42
CA TYR A 473 -6.27 6.60 18.48
C TYR A 473 -7.55 6.01 19.06
N LYS A 474 -7.58 4.68 19.17
CA LYS A 474 -8.87 4.09 19.50
C LYS A 474 -9.29 4.42 20.94
N ASN A 475 -10.61 4.36 21.15
CA ASN A 475 -11.22 4.57 22.48
C ASN A 475 -10.99 5.99 23.00
N GLY A 476 -11.03 6.97 22.10
CA GLY A 476 -10.94 8.34 22.55
C GLY A 476 -9.58 8.74 23.08
N THR A 477 -8.53 8.03 22.70
CA THR A 477 -7.18 8.31 23.16
C THR A 477 -6.37 9.05 22.10
N TYR A 478 -5.14 9.37 22.46
CA TYR A 478 -4.12 9.78 21.51
C TYR A 478 -2.97 8.78 21.58
N ASN A 479 -2.28 8.61 20.47
CA ASN A 479 -1.10 7.75 20.39
C ASN A 479 -0.17 8.36 19.36
N THR A 480 0.92 7.67 19.05
CA THR A 480 1.84 8.15 18.03
C THR A 480 2.05 7.08 16.99
N GLY A 481 2.35 7.52 15.77
CA GLY A 481 2.70 6.61 14.69
C GLY A 481 3.97 7.03 13.98
N THR A 482 4.63 6.04 13.41
CA THR A 482 5.82 6.26 12.60
C THR A 482 5.69 5.51 11.29
N GLY A 483 6.14 6.10 10.20
CA GLY A 483 6.32 5.35 8.97
C GLY A 483 5.77 6.07 7.76
N THR A 484 5.91 5.43 6.60
CA THR A 484 5.57 6.15 5.37
C THR A 484 4.07 6.34 5.21
N GLY A 485 3.23 5.55 5.91
CA GLY A 485 1.81 5.85 5.92
C GLY A 485 1.45 7.06 6.75
N VAL A 486 2.30 7.41 7.72
CA VAL A 486 2.12 8.68 8.41
C VAL A 486 2.50 9.84 7.47
N SER A 487 3.66 9.73 6.84
CA SER A 487 4.11 10.79 5.94
C SER A 487 3.13 10.98 4.78
N SER A 488 2.60 9.88 4.25
CA SER A 488 1.66 10.03 3.14
CA SER A 488 1.63 9.97 3.16
C SER A 488 0.37 10.69 3.61
N SER A 489 -0.01 10.49 4.88
CA SER A 489 -1.17 11.18 5.43
C SER A 489 -0.91 12.68 5.57
N ILE A 490 0.30 13.04 5.98
CA ILE A 490 0.66 14.46 6.05
CA ILE A 490 0.61 14.47 6.06
C ILE A 490 0.55 15.10 4.67
N VAL A 491 1.08 14.42 3.65
CA VAL A 491 1.01 14.98 2.30
C VAL A 491 -0.44 15.04 1.80
N THR A 492 -1.23 14.00 2.11
CA THR A 492 -2.64 13.99 1.71
C THR A 492 -3.36 15.20 2.27
N GLY A 493 -3.17 15.47 3.58
CA GLY A 493 -3.86 16.62 4.16
C GLY A 493 -3.40 17.93 3.56
N VAL A 494 -2.09 18.09 3.40
CA VAL A 494 -1.57 19.32 2.82
C VAL A 494 -2.05 19.49 1.39
N LEU A 495 -2.13 18.39 0.63
CA LEU A 495 -2.62 18.47 -0.74
CA LEU A 495 -2.62 18.46 -0.74
C LEU A 495 -4.09 18.89 -0.77
N ALA A 496 -4.88 18.51 0.22
CA ALA A 496 -6.26 18.96 0.25
C ALA A 496 -6.31 20.48 0.41
N LEU A 497 -5.43 21.04 1.23
CA LEU A 497 -5.38 22.50 1.35
C LEU A 497 -4.92 23.13 0.04
N LEU A 498 -3.92 22.53 -0.62
CA LEU A 498 -3.43 23.07 -1.87
C LEU A 498 -4.49 23.00 -2.97
N MET A 499 -5.30 21.94 -2.96
CA MET A 499 -6.33 21.82 -3.99
C MET A 499 -7.42 22.86 -3.80
N GLU A 500 -7.80 23.16 -2.56
CA GLU A 500 -8.77 24.22 -2.35
C GLU A 500 -8.17 25.57 -2.72
N TYR A 501 -6.89 25.79 -2.39
CA TYR A 501 -6.24 27.04 -2.74
C TYR A 501 -6.22 27.25 -4.25
N LEU A 502 -5.89 26.19 -5.00
CA LEU A 502 -5.85 26.29 -6.45
C LEU A 502 -7.23 26.55 -7.02
N GLU A 503 -8.25 25.88 -6.49
CA GLU A 503 -9.62 26.07 -7.00
C GLU A 503 -10.11 27.49 -6.73
N LYS A 504 -9.77 28.05 -5.57
CA LYS A 504 -10.23 29.39 -5.24
C LYS A 504 -9.54 30.44 -6.12
N GLN A 505 -8.21 30.38 -6.19
CA GLN A 505 -7.45 31.35 -6.97
C GLN A 505 -6.13 30.75 -7.45
N PRO A 509 -8.97 25.98 -13.54
CA PRO A 509 -10.18 25.14 -13.57
C PRO A 509 -9.95 23.78 -12.90
N ARG A 510 -10.98 23.27 -12.21
CA ARG A 510 -10.84 21.98 -11.53
C ARG A 510 -10.47 20.87 -12.52
N LEU A 511 -10.86 21.04 -13.78
CA LEU A 511 -10.54 20.06 -14.81
C LEU A 511 -9.03 19.96 -15.06
N SER A 512 -8.23 20.81 -14.41
CA SER A 512 -6.78 20.78 -14.56
C SER A 512 -6.04 20.26 -13.34
N LEU A 513 -6.74 19.82 -12.29
CA LEU A 513 -6.08 19.34 -11.06
C LEU A 513 -5.71 17.87 -11.18
N PHE A 514 -4.81 17.58 -12.11
CA PHE A 514 -4.30 16.23 -12.27
C PHE A 514 -3.15 15.96 -11.30
N THR A 515 -2.94 14.68 -11.01
CA THR A 515 -1.82 14.26 -10.18
C THR A 515 -0.50 14.84 -10.66
N GLN A 516 -0.27 14.85 -11.98
CA GLN A 516 1.00 15.31 -12.53
C GLN A 516 1.25 16.78 -12.19
N VAL A 517 0.22 17.61 -12.26
CA VAL A 517 0.31 19.02 -11.90
C VAL A 517 0.64 19.17 -10.42
N LEU A 518 -0.10 18.49 -9.55
CA LEU A 518 0.12 18.62 -8.11
C LEU A 518 1.49 18.09 -7.72
N LYS A 519 1.91 17.00 -8.34
CA LYS A 519 3.25 16.47 -8.04
C LYS A 519 4.32 17.47 -8.40
N THR A 520 4.16 18.15 -9.54
CA THR A 520 5.12 19.15 -9.98
C THR A 520 5.24 20.28 -8.97
N TYR A 521 4.10 20.76 -8.45
CA TYR A 521 4.15 21.83 -7.45
C TYR A 521 4.81 21.37 -6.15
N LEU A 522 4.49 20.15 -5.69
CA LEU A 522 5.11 19.63 -4.49
C LEU A 522 6.62 19.54 -4.64
N ILE A 523 7.08 19.10 -5.81
CA ILE A 523 8.52 18.98 -6.03
C ILE A 523 9.16 20.37 -6.12
N LEU A 524 8.50 21.32 -6.80
CA LEU A 524 9.04 22.66 -6.93
C LEU A 524 9.19 23.34 -5.57
N GLY A 525 8.26 23.07 -4.66
CA GLY A 525 8.30 23.69 -3.34
C GLY A 525 9.14 22.96 -2.31
N ALA A 526 9.64 21.77 -2.62
CA ALA A 526 10.32 20.96 -1.60
C ALA A 526 11.62 21.58 -1.14
N THR A 527 11.94 21.35 0.13
CA THR A 527 13.21 21.78 0.72
C THR A 527 14.32 20.80 0.36
N LYS A 528 15.43 21.33 -0.17
CA LYS A 528 16.63 20.55 -0.45
C LYS A 528 17.66 20.91 0.60
N LEU A 529 18.11 19.91 1.36
CA LEU A 529 19.11 20.14 2.39
C LEU A 529 20.48 20.34 1.77
N GLU A 530 21.29 21.13 2.45
CA GLU A 530 22.60 21.48 1.92
C GLU A 530 23.46 20.24 1.71
N ILE A 531 24.19 20.26 0.59
CA ILE A 531 25.33 19.42 0.22
C ILE A 531 24.91 18.02 -0.25
N TYR A 532 23.66 17.62 0.01
CA TYR A 532 23.15 16.41 -0.60
C TYR A 532 22.94 16.64 -2.08
N THR A 533 22.92 15.53 -2.82
CA THR A 533 22.68 15.53 -4.25
C THR A 533 21.22 15.15 -4.51
N TYR A 534 20.50 15.99 -5.26
CA TYR A 534 19.09 15.73 -5.54
C TYR A 534 18.88 15.64 -7.06
N PRO A 535 17.90 14.85 -7.50
CA PRO A 535 17.10 13.94 -6.67
C PRO A 535 17.92 12.72 -6.24
N ASN A 536 17.47 11.99 -5.22
CA ASN A 536 18.15 10.77 -4.84
C ASN A 536 17.10 9.78 -4.37
N VAL A 537 17.49 8.49 -4.26
CA VAL A 537 16.49 7.47 -4.02
C VAL A 537 16.04 7.39 -2.57
N SER A 538 16.60 8.21 -1.69
CA SER A 538 16.16 8.26 -0.30
CA SER A 538 16.17 8.26 -0.30
C SER A 538 15.19 9.40 -0.04
N GLN A 539 15.56 10.62 -0.40
CA GLN A 539 14.74 11.81 -0.18
C GLN A 539 13.91 12.21 -1.39
N GLY A 540 14.09 11.56 -2.53
CA GLY A 540 13.44 12.05 -3.73
C GLY A 540 13.95 13.44 -4.07
N TYR A 541 13.01 14.36 -4.28
CA TYR A 541 13.33 15.77 -4.56
C TYR A 541 13.36 16.65 -3.32
N GLY A 542 13.18 16.09 -2.12
CA GLY A 542 13.30 16.90 -0.93
C GLY A 542 12.09 16.78 -0.03
N ILE A 543 12.03 17.69 0.95
CA ILE A 543 11.07 17.62 2.05
C ILE A 543 9.89 18.54 1.75
N LEU A 544 8.69 17.98 1.91
CA LEU A 544 7.44 18.74 1.79
C LEU A 544 7.53 20.11 2.46
N ASN A 545 7.08 21.14 1.74
CA ASN A 545 7.07 22.50 2.31
C ASN A 545 5.83 23.22 1.81
N LEU A 546 4.79 23.22 2.64
CA LEU A 546 3.52 23.84 2.28
C LEU A 546 3.69 25.31 1.89
N LYS A 547 4.37 26.09 2.73
CA LYS A 547 4.49 27.51 2.49
C LYS A 547 5.18 27.79 1.16
N ASN A 548 6.28 27.09 0.89
CA ASN A 548 7.01 27.34 -0.35
CA ASN A 548 7.01 27.35 -0.35
C ASN A 548 6.24 26.84 -1.56
N THR A 549 5.47 25.77 -1.40
CA THR A 549 4.64 25.29 -2.50
C THR A 549 3.57 26.31 -2.87
N ILE A 550 2.91 26.91 -1.87
CA ILE A 550 1.95 27.98 -2.15
C ILE A 550 2.63 29.12 -2.88
N GLN A 551 3.85 29.50 -2.44
CA GLN A 551 4.56 30.58 -3.09
C GLN A 551 4.92 30.23 -4.53
N GLN A 552 5.22 28.95 -4.80
CA GLN A 552 5.43 28.50 -6.17
C GLN A 552 4.15 28.57 -6.98
N ILE A 553 3.03 28.12 -6.40
CA ILE A 553 1.75 28.20 -7.08
C ILE A 553 1.40 29.65 -7.39
N ALA A 554 1.69 30.55 -6.44
CA ALA A 554 1.34 31.96 -6.63
C ALA A 554 2.21 32.62 -7.68
N ASN A 555 3.48 32.27 -7.72
CA ASN A 555 4.42 32.89 -8.67
C ASN A 555 4.35 32.21 -10.04
N HIS A 560 9.77 25.93 -17.79
CA HIS A 560 11.20 25.82 -17.53
C HIS A 560 11.47 25.40 -16.09
N HIS A 561 10.59 25.82 -15.17
CA HIS A 561 10.76 25.47 -13.77
C HIS A 561 10.48 24.00 -13.48
N HIS A 562 9.90 23.27 -14.42
CA HIS A 562 9.59 21.86 -14.22
C HIS A 562 10.87 21.06 -13.93
N HIS A 563 10.75 20.04 -13.08
CA HIS A 563 11.92 19.29 -12.67
C HIS A 563 12.51 18.43 -13.79
N HIS A 564 11.80 18.24 -14.90
CA HIS A 564 12.33 17.51 -16.04
C HIS A 564 12.71 18.41 -17.20
N HIS A 565 12.56 19.72 -17.05
CA HIS A 565 12.85 20.67 -18.11
C HIS A 565 14.21 21.34 -17.89
S SO4 B . -3.08 -1.29 21.80
O1 SO4 B . -2.23 -1.08 20.63
O2 SO4 B . -2.34 -2.04 22.81
O3 SO4 B . -3.47 0.01 22.35
O4 SO4 B . -4.27 -2.04 21.41
S SO4 C . -9.95 -2.42 21.65
O1 SO4 C . -10.62 -1.13 21.47
O2 SO4 C . -8.70 -2.23 22.39
O3 SO4 C . -9.66 -3.00 20.34
O4 SO4 C . -10.83 -3.30 22.40
S SO4 D . -36.26 4.92 20.39
O1 SO4 D . -35.10 4.04 20.38
O2 SO4 D . -35.90 6.24 20.89
O3 SO4 D . -36.79 5.02 19.02
O4 SO4 D . -37.28 4.34 21.26
S SO4 E . 5.52 -10.02 17.74
O1 SO4 E . 6.81 -9.91 17.08
O2 SO4 E . 5.53 -9.21 18.96
O3 SO4 E . 4.45 -9.55 16.87
O4 SO4 E . 5.27 -11.43 18.09
S SO4 F . -0.78 -23.71 -2.83
O1 SO4 F . 0.43 -23.26 -3.54
O2 SO4 F . -0.48 -23.87 -1.42
O3 SO4 F . -1.84 -22.71 -3.01
O4 SO4 F . -1.23 -24.97 -3.40
#